data_5V77
#
_entry.id   5V77
#
_cell.length_a   107.360
_cell.length_b   107.360
_cell.length_c   87.790
_cell.angle_alpha   90.000
_cell.angle_beta   90.000
_cell.angle_gamma   120.000
#
_symmetry.space_group_name_H-M   'P 65 2 2'
#
loop_
_entity.id
_entity.type
_entity.pdbx_description
1 polymer 'Uncharacterized protein'
2 non-polymer 'SULFATE ION'
3 water water
#
_entity_poly.entity_id   1
_entity_poly.type   'polypeptide(L)'
_entity_poly.pdbx_seq_one_letter_code
;MAHHHHHHMKKNIFHNVSLYEIIFSDNGNTLTLSFTDTIEGNYFGYIKCSNILNFKLDTNNFVDYEDKEDSLFPLFIPEI
ELYKYQFYSEIIIDVGIIIKISAETINFEPLGK
;
_entity_poly.pdbx_strand_id   A,B
#
# COMPACT_ATOMS: atom_id res chain seq x y z
N HIS A 8 -24.19 -6.88 3.41
CA HIS A 8 -23.61 -6.73 2.08
C HIS A 8 -24.38 -5.75 1.20
N MET A 9 -23.76 -4.61 0.91
CA MET A 9 -24.28 -3.61 -0.02
C MET A 9 -23.17 -3.21 -0.97
N LYS A 10 -23.55 -2.68 -2.14
CA LYS A 10 -22.59 -2.20 -3.14
C LYS A 10 -22.98 -0.80 -3.59
N LYS A 11 -21.98 0.01 -3.93
CA LYS A 11 -22.22 1.42 -4.19
C LYS A 11 -21.03 2.00 -4.96
N ASN A 12 -21.31 2.84 -5.94
CA ASN A 12 -20.26 3.50 -6.70
C ASN A 12 -20.08 4.92 -6.17
N ILE A 13 -18.84 5.27 -5.82
CA ILE A 13 -18.53 6.59 -5.30
C ILE A 13 -17.38 7.19 -6.09
N PHE A 14 -17.17 8.50 -5.90
CA PHE A 14 -16.02 9.21 -6.44
C PHE A 14 -15.92 9.05 -7.96
N HIS A 15 -16.94 9.54 -8.64
CA HIS A 15 -16.96 9.47 -10.11
C HIS A 15 -15.95 10.44 -10.70
N ASN A 16 -15.22 9.96 -11.71
CA ASN A 16 -14.30 10.77 -12.51
C ASN A 16 -13.33 11.56 -11.63
N VAL A 17 -12.55 10.83 -10.83
CA VAL A 17 -11.56 11.43 -9.96
C VAL A 17 -10.16 10.95 -10.36
N SER A 18 -9.15 11.60 -9.78
CA SER A 18 -7.75 11.30 -10.05
C SER A 18 -7.04 11.04 -8.74
N LEU A 19 -6.60 9.80 -8.54
CA LEU A 19 -5.84 9.42 -7.34
C LEU A 19 -4.39 9.86 -7.45
N TYR A 20 -3.90 10.61 -6.46
CA TYR A 20 -2.52 11.08 -6.52
C TYR A 20 -1.67 10.64 -5.34
N GLU A 21 -2.24 10.00 -4.33
CA GLU A 21 -1.39 9.48 -3.26
C GLU A 21 -2.15 8.47 -2.42
N ILE A 22 -1.37 7.62 -1.76
CA ILE A 22 -1.86 6.57 -0.85
C ILE A 22 -0.97 6.64 0.37
N ILE A 23 -1.53 6.98 1.52
CA ILE A 23 -0.72 7.41 2.67
C ILE A 23 -1.12 6.59 3.90
N PHE A 24 -0.12 5.99 4.56
CA PHE A 24 -0.35 5.37 5.86
C PHE A 24 -0.41 6.42 6.96
N SER A 25 -1.32 6.25 7.93
CA SER A 25 -1.37 7.09 9.13
C SER A 25 -1.84 6.26 10.32
N ASP A 26 -1.90 6.90 11.48
CA ASP A 26 -2.27 6.24 12.72
C ASP A 26 -1.40 5.01 12.96
N ASN A 27 -0.06 5.19 12.87
CA ASN A 27 0.86 4.10 13.16
C ASN A 27 0.60 2.90 12.26
N GLY A 28 0.28 3.17 11.00
CA GLY A 28 0.05 2.13 10.01
C GLY A 28 -1.34 1.54 9.99
N ASN A 29 -2.23 1.93 10.91
CA ASN A 29 -3.57 1.33 10.99
C ASN A 29 -4.55 1.90 9.98
N THR A 30 -4.22 3.02 9.33
CA THR A 30 -5.14 3.73 8.46
C THR A 30 -4.45 4.01 7.14
N LEU A 31 -5.19 3.84 6.05
CA LEU A 31 -4.77 4.25 4.71
C LEU A 31 -5.70 5.34 4.21
N THR A 32 -5.12 6.42 3.71
CA THR A 32 -5.92 7.49 3.11
C THR A 32 -5.52 7.65 1.66
N LEU A 33 -6.51 7.65 0.79
CA LEU A 33 -6.34 7.86 -0.64
C LEU A 33 -6.83 9.27 -0.95
N SER A 34 -6.01 10.07 -1.64
CA SER A 34 -6.40 11.45 -1.93
C SER A 34 -6.54 11.67 -3.42
N PHE A 35 -7.49 12.55 -3.78
CA PHE A 35 -7.96 12.69 -5.14
C PHE A 35 -8.08 14.15 -5.53
N THR A 36 -7.83 14.43 -6.81
CA THR A 36 -8.22 15.67 -7.47
C THR A 36 -9.40 15.42 -8.40
N ASP A 37 -10.04 16.50 -8.82
CA ASP A 37 -11.05 16.42 -9.87
C ASP A 37 -10.36 16.36 -11.22
N THR A 38 -11.12 15.99 -12.26
CA THR A 38 -10.56 15.83 -13.58
C THR A 38 -10.97 16.96 -14.52
N ILE A 39 -11.42 18.08 -13.98
CA ILE A 39 -11.74 19.27 -14.78
C ILE A 39 -10.67 20.34 -14.54
N GLU A 40 -10.85 21.14 -13.48
CA GLU A 40 -9.82 22.11 -13.14
C GLU A 40 -8.57 21.47 -12.55
N GLY A 41 -8.68 20.23 -12.06
CA GLY A 41 -7.54 19.58 -11.45
C GLY A 41 -7.27 19.98 -10.02
N ASN A 42 -8.25 20.57 -9.34
CA ASN A 42 -8.04 20.97 -7.95
C ASN A 42 -8.26 19.79 -7.03
N TYR A 43 -7.79 19.94 -5.80
CA TYR A 43 -8.08 18.98 -4.76
C TYR A 43 -9.58 18.71 -4.71
N PHE A 44 -9.94 17.44 -4.52
CA PHE A 44 -11.35 17.09 -4.37
C PHE A 44 -11.64 16.49 -3.01
N GLY A 45 -10.96 15.41 -2.64
CA GLY A 45 -11.28 14.81 -1.35
C GLY A 45 -10.51 13.53 -1.14
N TYR A 46 -11.04 12.70 -0.24
CA TYR A 46 -10.23 11.57 0.22
C TYR A 46 -11.14 10.42 0.62
N ILE A 47 -10.59 9.21 0.60
CA ILE A 47 -11.22 8.03 1.17
C ILE A 47 -10.30 7.54 2.28
N LYS A 48 -10.85 7.42 3.47
CA LYS A 48 -10.07 7.01 4.65
C LYS A 48 -10.48 5.60 5.06
N CYS A 49 -9.51 4.69 5.07
CA CYS A 49 -9.74 3.28 5.37
C CYS A 49 -9.13 3.03 6.74
N SER A 50 -9.96 2.91 7.78
CA SER A 50 -9.46 2.82 9.16
C SER A 50 -9.46 1.38 9.64
N ASN A 51 -8.34 0.98 10.26
CA ASN A 51 -8.10 -0.37 10.77
C ASN A 51 -8.04 -1.33 9.59
N ILE A 52 -6.91 -1.29 8.89
CA ILE A 52 -6.74 -2.02 7.65
C ILE A 52 -6.76 -3.51 7.89
N LEU A 53 -7.51 -4.23 7.05
CA LEU A 53 -7.48 -5.67 7.01
C LEU A 53 -6.56 -6.17 5.91
N ASN A 54 -6.79 -5.74 4.67
CA ASN A 54 -5.76 -5.99 3.67
C ASN A 54 -5.74 -4.88 2.64
N PHE A 55 -4.60 -4.78 1.95
CA PHE A 55 -4.38 -3.81 0.89
CA PHE A 55 -4.39 -3.81 0.88
C PHE A 55 -3.68 -4.53 -0.25
N LYS A 56 -4.22 -4.45 -1.45
CA LYS A 56 -3.61 -5.08 -2.62
C LYS A 56 -3.50 -4.04 -3.74
N LEU A 57 -2.32 -3.95 -4.32
CA LEU A 57 -2.09 -3.19 -5.54
C LEU A 57 -1.47 -4.13 -6.55
N ASP A 58 -2.11 -4.27 -7.71
CA ASP A 58 -1.56 -5.12 -8.77
C ASP A 58 -1.56 -4.28 -10.04
N THR A 59 -0.37 -4.06 -10.61
CA THR A 59 -0.32 -3.21 -11.80
C THR A 59 -0.77 -3.95 -13.06
N ASN A 60 -0.85 -5.27 -13.01
CA ASN A 60 -1.50 -6.06 -14.06
CA ASN A 60 -1.50 -6.06 -14.07
C ASN A 60 -0.89 -5.78 -15.43
N ASN A 61 0.43 -5.64 -15.49
CA ASN A 61 1.14 -5.40 -16.75
C ASN A 61 0.51 -4.25 -17.52
N PHE A 62 -0.04 -3.27 -16.80
CA PHE A 62 -0.70 -2.13 -17.41
C PHE A 62 0.26 -0.95 -17.59
N VAL A 63 1.08 -0.66 -16.59
CA VAL A 63 2.06 0.41 -16.70
C VAL A 63 3.21 -0.06 -17.58
N ASP A 64 3.55 0.73 -18.59
CA ASP A 64 4.72 0.47 -19.42
C ASP A 64 5.90 1.14 -18.76
N TYR A 65 6.74 0.34 -18.09
CA TYR A 65 7.89 0.91 -17.40
C TYR A 65 9.02 1.28 -18.36
N GLU A 66 9.04 0.70 -19.55
CA GLU A 66 9.94 1.20 -20.60
C GLU A 66 9.56 2.62 -21.02
N ASP A 67 8.30 3.03 -20.79
CA ASP A 67 7.85 4.38 -21.12
C ASP A 67 8.21 5.33 -19.99
N LYS A 68 9.02 6.34 -20.31
CA LYS A 68 9.43 7.30 -19.29
C LYS A 68 8.24 8.07 -18.73
N GLU A 69 7.27 8.41 -19.58
CA GLU A 69 6.16 9.27 -19.17
C GLU A 69 5.04 8.52 -18.45
N ASP A 70 5.20 7.22 -18.22
CA ASP A 70 4.10 6.41 -17.69
C ASP A 70 4.34 6.11 -16.20
N SER A 71 3.31 6.31 -15.40
CA SER A 71 3.48 6.09 -13.96
C SER A 71 2.12 5.85 -13.33
N LEU A 72 2.15 5.32 -12.11
CA LEU A 72 0.92 4.97 -11.41
C LEU A 72 0.08 6.21 -11.14
N PHE A 73 0.66 7.22 -10.51
CA PHE A 73 0.03 8.50 -10.18
C PHE A 73 0.37 9.55 -11.22
N PRO A 74 -0.58 10.41 -11.62
CA PRO A 74 -1.97 10.43 -11.17
C PRO A 74 -2.76 9.31 -11.83
N LEU A 75 -3.65 8.67 -11.10
CA LEU A 75 -4.41 7.54 -11.64
C LEU A 75 -5.85 7.99 -11.85
N PHE A 76 -6.27 8.09 -13.10
N PHE A 76 -6.24 8.19 -13.12
CA PHE A 76 -7.63 8.53 -13.39
CA PHE A 76 -7.64 8.51 -13.37
C PHE A 76 -8.60 7.36 -13.22
C PHE A 76 -8.51 7.31 -13.02
N ILE A 77 -9.68 7.59 -12.48
CA ILE A 77 -10.61 6.55 -12.06
C ILE A 77 -12.03 6.95 -12.45
N PRO A 78 -12.71 6.17 -13.29
CA PRO A 78 -14.13 6.46 -13.56
C PRO A 78 -15.01 6.43 -12.33
N GLU A 79 -14.82 5.45 -11.44
CA GLU A 79 -15.63 5.31 -10.24
C GLU A 79 -14.97 4.27 -9.35
N ILE A 80 -15.35 4.28 -8.08
CA ILE A 80 -14.79 3.39 -7.06
C ILE A 80 -15.93 2.58 -6.46
N GLU A 81 -15.80 1.26 -6.47
CA GLU A 81 -16.81 0.36 -5.91
C GLU A 81 -16.64 0.27 -4.40
N LEU A 82 -17.71 0.50 -3.66
CA LEU A 82 -17.68 0.41 -2.20
C LEU A 82 -18.65 -0.68 -1.75
N TYR A 83 -18.14 -1.65 -1.01
CA TYR A 83 -18.92 -2.76 -0.48
C TYR A 83 -18.95 -2.67 1.04
N LYS A 84 -20.13 -2.82 1.64
CA LYS A 84 -20.25 -2.77 3.09
C LYS A 84 -20.74 -4.11 3.60
N TYR A 85 -19.92 -4.76 4.43
CA TYR A 85 -20.27 -6.02 5.07
C TYR A 85 -20.63 -5.76 6.53
N GLN A 86 -20.95 -6.84 7.27
CA GLN A 86 -21.44 -6.66 8.62
C GLN A 86 -20.41 -5.98 9.51
N PHE A 87 -19.13 -6.35 9.36
CA PHE A 87 -18.10 -5.85 10.26
C PHE A 87 -17.00 -5.05 9.60
N TYR A 88 -17.02 -4.89 8.28
CA TYR A 88 -15.96 -4.16 7.58
C TYR A 88 -16.47 -3.72 6.22
N SER A 89 -15.66 -2.95 5.52
CA SER A 89 -15.99 -2.48 4.19
C SER A 89 -14.78 -2.66 3.27
N GLU A 90 -15.04 -2.60 1.96
CA GLU A 90 -14.00 -2.80 0.96
C GLU A 90 -14.21 -1.83 -0.19
N ILE A 91 -13.13 -1.20 -0.68
CA ILE A 91 -13.19 -0.45 -1.92
C ILE A 91 -12.41 -1.23 -2.97
N ILE A 92 -12.90 -1.18 -4.21
CA ILE A 92 -12.21 -1.79 -5.34
C ILE A 92 -12.05 -0.74 -6.42
N ILE A 93 -10.81 -0.54 -6.87
CA ILE A 93 -10.50 0.32 -8.00
C ILE A 93 -9.99 -0.58 -9.11
N ASP A 94 -10.65 -0.56 -10.26
CA ASP A 94 -10.27 -1.45 -11.36
C ASP A 94 -10.13 -0.59 -12.63
N VAL A 95 -8.90 -0.18 -12.94
CA VAL A 95 -8.61 0.63 -14.12
C VAL A 95 -7.41 0.04 -14.84
N GLY A 96 -7.43 -1.26 -15.06
CA GLY A 96 -6.26 -1.93 -15.60
C GLY A 96 -5.38 -2.29 -14.42
N ILE A 97 -4.82 -1.26 -13.78
CA ILE A 97 -4.29 -1.41 -12.43
C ILE A 97 -5.46 -1.71 -11.50
N ILE A 98 -5.26 -2.58 -10.52
CA ILE A 98 -6.29 -2.93 -9.56
C ILE A 98 -5.79 -2.62 -8.15
N ILE A 99 -6.64 -1.94 -7.37
CA ILE A 99 -6.39 -1.65 -5.97
C ILE A 99 -7.60 -2.13 -5.17
N LYS A 100 -7.36 -2.94 -4.14
CA LYS A 100 -8.41 -3.42 -3.26
C LYS A 100 -7.98 -3.12 -1.84
N ILE A 101 -8.88 -2.51 -1.05
CA ILE A 101 -8.59 -2.25 0.35
C ILE A 101 -9.79 -2.67 1.17
N SER A 102 -9.56 -3.48 2.20
CA SER A 102 -10.57 -3.85 3.17
C SER A 102 -10.16 -3.26 4.53
N ALA A 103 -11.13 -2.69 5.25
CA ALA A 103 -10.83 -2.00 6.50
C ALA A 103 -12.09 -1.99 7.34
N GLU A 104 -11.92 -1.90 8.67
CA GLU A 104 -13.05 -1.93 9.59
CA GLU A 104 -13.08 -1.96 9.54
C GLU A 104 -14.08 -0.86 9.23
N THR A 105 -13.60 0.35 8.94
CA THR A 105 -14.49 1.45 8.54
C THR A 105 -13.89 2.14 7.34
N ILE A 106 -14.74 2.56 6.42
CA ILE A 106 -14.29 3.35 5.28
C ILE A 106 -15.21 4.56 5.21
N ASN A 107 -14.63 5.75 5.27
CA ASN A 107 -15.38 7.00 5.20
CA ASN A 107 -15.42 6.97 5.14
C ASN A 107 -14.74 7.88 4.13
N PHE A 108 -15.45 8.94 3.75
CA PHE A 108 -14.90 9.78 2.69
C PHE A 108 -15.53 11.16 2.73
N GLU A 109 -14.80 12.13 2.17
CA GLU A 109 -15.24 13.51 2.00
C GLU A 109 -14.80 13.94 0.60
N PRO A 110 -15.62 14.72 -0.12
CA PRO A 110 -16.96 15.15 0.30
C PRO A 110 -17.96 14.01 0.17
N LEU A 111 -19.19 14.21 0.65
CA LEU A 111 -20.19 13.17 0.56
C LEU A 111 -20.83 13.07 -0.82
N GLY A 112 -20.63 14.07 -1.67
CA GLY A 112 -21.12 14.05 -3.04
C GLY A 112 -20.57 15.23 -3.79
N LYS A 113 -20.72 15.19 -5.12
CA LYS A 113 -20.18 16.26 -5.96
C LYS A 113 -21.10 17.47 -5.97
N HIS B 8 16.28 -17.52 -10.00
CA HIS B 8 15.92 -17.69 -8.61
C HIS B 8 17.15 -17.79 -7.70
N MET B 9 17.26 -16.82 -6.81
CA MET B 9 18.17 -16.88 -5.68
C MET B 9 17.44 -16.28 -4.49
N LYS B 10 17.38 -17.02 -3.38
CA LYS B 10 16.68 -16.60 -2.18
C LYS B 10 17.69 -16.27 -1.08
N LYS B 11 17.40 -15.22 -0.32
CA LYS B 11 18.36 -14.65 0.62
C LYS B 11 17.60 -14.01 1.77
N ASN B 12 18.10 -14.17 2.99
CA ASN B 12 17.56 -13.48 4.16
C ASN B 12 18.37 -12.22 4.44
N ILE B 13 17.68 -11.08 4.56
CA ILE B 13 18.28 -9.77 4.77
C ILE B 13 17.56 -9.06 5.89
N PHE B 14 18.18 -7.99 6.38
CA PHE B 14 17.58 -7.08 7.36
C PHE B 14 17.12 -7.84 8.61
N HIS B 15 18.10 -8.41 9.30
CA HIS B 15 17.83 -9.17 10.51
C HIS B 15 17.50 -8.23 11.66
N ASN B 16 16.43 -8.55 12.39
CA ASN B 16 16.05 -7.85 13.63
C ASN B 16 15.86 -6.35 13.41
N VAL B 17 15.02 -6.00 12.45
CA VAL B 17 14.77 -4.62 12.13
C VAL B 17 13.34 -4.27 12.51
N SER B 18 13.05 -2.97 12.51
CA SER B 18 11.71 -2.47 12.80
C SER B 18 11.27 -1.57 11.64
N LEU B 19 10.22 -1.99 10.95
CA LEU B 19 9.63 -1.21 9.85
C LEU B 19 8.75 -0.10 10.41
N TYR B 20 9.02 1.15 10.02
CA TYR B 20 8.23 2.26 10.54
C TYR B 20 7.49 3.07 9.48
N GLU B 21 7.75 2.84 8.18
CA GLU B 21 6.99 3.53 7.14
C GLU B 21 7.11 2.78 5.83
N ILE B 22 6.06 2.92 5.01
CA ILE B 22 6.00 2.43 3.65
C ILE B 22 5.52 3.61 2.80
N ILE B 23 6.35 4.06 1.86
CA ILE B 23 6.13 5.35 1.20
C ILE B 23 6.15 5.16 -0.31
N PHE B 24 5.07 5.57 -0.99
CA PHE B 24 5.09 5.69 -2.44
C PHE B 24 5.83 6.94 -2.87
N SER B 25 6.58 6.86 -3.96
CA SER B 25 7.11 8.06 -4.58
C SER B 25 5.97 8.93 -5.15
N ASP B 26 6.35 10.13 -5.58
CA ASP B 26 5.40 11.07 -6.14
C ASP B 26 4.64 10.46 -7.32
N ASN B 27 5.34 9.80 -8.23
CA ASN B 27 4.65 9.22 -9.37
C ASN B 27 4.14 7.82 -9.09
N GLY B 28 4.41 7.27 -7.91
CA GLY B 28 3.89 5.99 -7.51
C GLY B 28 4.60 4.78 -8.06
N ASN B 29 5.67 4.97 -8.84
CA ASN B 29 6.40 3.86 -9.43
C ASN B 29 7.35 3.19 -8.45
N THR B 30 7.65 3.84 -7.33
CA THR B 30 8.63 3.32 -6.37
C THR B 30 8.00 3.25 -4.99
N LEU B 31 8.32 2.20 -4.25
CA LEU B 31 7.90 2.05 -2.86
C LEU B 31 9.17 1.94 -2.02
N THR B 32 9.26 2.76 -0.98
CA THR B 32 10.39 2.72 -0.04
C THR B 32 9.91 2.27 1.33
N LEU B 33 10.54 1.23 1.85
CA LEU B 33 10.30 0.76 3.21
C LEU B 33 11.47 1.22 4.06
N SER B 34 11.19 1.89 5.18
CA SER B 34 12.24 2.45 6.03
C SER B 34 12.24 1.76 7.39
N PHE B 35 13.44 1.55 7.93
CA PHE B 35 13.64 0.70 9.09
C PHE B 35 14.55 1.37 10.10
N THR B 36 14.29 1.10 11.38
CA THR B 36 15.21 1.32 12.47
C THR B 36 15.77 -0.01 12.95
N ASP B 37 16.83 0.07 13.76
CA ASP B 37 17.18 -1.14 14.47
C ASP B 37 16.15 -1.38 15.57
N THR B 38 16.25 -2.51 16.24
CA THR B 38 15.34 -2.75 17.33
C THR B 38 16.02 -2.56 18.68
N ILE B 39 17.21 -1.95 18.66
CA ILE B 39 17.96 -1.69 19.88
C ILE B 39 17.39 -0.43 20.54
N GLU B 40 17.76 0.76 20.02
CA GLU B 40 17.24 2.02 20.55
C GLU B 40 16.54 2.87 19.49
N GLY B 41 16.18 2.27 18.36
CA GLY B 41 15.39 2.99 17.38
C GLY B 41 16.15 3.94 16.48
N ASN B 42 17.46 3.77 16.36
CA ASN B 42 18.23 4.53 15.39
C ASN B 42 17.93 4.05 13.98
N TYR B 43 17.98 4.98 13.04
CA TYR B 43 17.79 4.63 11.62
C TYR B 43 18.74 3.52 11.22
N PHE B 44 18.20 2.52 10.53
CA PHE B 44 18.97 1.39 10.01
C PHE B 44 19.21 1.49 8.51
N GLY B 45 18.15 1.66 7.72
CA GLY B 45 18.29 1.63 6.28
C GLY B 45 16.94 1.50 5.61
N TYR B 46 16.97 1.12 4.32
CA TYR B 46 15.75 1.09 3.53
C TYR B 46 15.80 -0.03 2.50
N ILE B 47 14.62 -0.41 2.04
CA ILE B 47 14.46 -1.26 0.85
C ILE B 47 13.63 -0.45 -0.15
N LYS B 48 14.16 -0.25 -1.34
CA LYS B 48 13.51 0.53 -2.37
C LYS B 48 13.09 -0.40 -3.51
N CYS B 49 11.79 -0.46 -3.79
CA CYS B 49 11.22 -1.32 -4.82
C CYS B 49 10.83 -0.42 -5.99
N SER B 50 11.48 -0.61 -7.14
CA SER B 50 11.29 0.26 -8.28
C SER B 50 10.50 -0.47 -9.37
N ASN B 51 9.56 0.25 -9.99
CA ASN B 51 8.65 -0.33 -10.97
C ASN B 51 7.87 -1.48 -10.38
N ILE B 52 6.86 -1.13 -9.58
CA ILE B 52 6.10 -2.08 -8.79
C ILE B 52 5.28 -2.97 -9.70
N LEU B 53 5.25 -4.26 -9.40
CA LEU B 53 4.37 -5.21 -10.06
C LEU B 53 3.18 -5.54 -9.17
N ASN B 54 3.41 -5.92 -7.92
CA ASN B 54 2.30 -6.04 -6.99
C ASN B 54 2.77 -5.79 -5.57
N PHE B 55 1.84 -5.33 -4.75
CA PHE B 55 2.05 -5.03 -3.34
CA PHE B 55 2.06 -5.07 -3.34
C PHE B 55 0.86 -5.61 -2.59
N LYS B 56 1.11 -6.43 -1.59
CA LYS B 56 0.04 -6.97 -0.76
C LYS B 56 0.42 -6.77 0.69
N LEU B 57 -0.54 -6.27 1.49
CA LEU B 57 -0.41 -6.21 2.93
C LEU B 57 -1.65 -6.88 3.48
N ASP B 58 -1.46 -7.89 4.34
CA ASP B 58 -2.59 -8.56 4.99
C ASP B 58 -2.25 -8.62 6.47
N THR B 59 -3.06 -7.96 7.30
CA THR B 59 -2.73 -8.00 8.73
C THR B 59 -3.14 -9.31 9.38
N ASN B 60 -4.01 -10.09 8.73
CA ASN B 60 -4.28 -11.48 9.14
C ASN B 60 -4.71 -11.58 10.60
N ASN B 61 -5.47 -10.59 11.08
CA ASN B 61 -5.97 -10.56 12.47
C ASN B 61 -4.82 -10.61 13.49
N PHE B 62 -3.65 -10.10 13.11
CA PHE B 62 -2.54 -10.01 14.07
C PHE B 62 -2.39 -8.62 14.67
N VAL B 63 -3.15 -7.64 14.19
CA VAL B 63 -3.25 -6.33 14.83
C VAL B 63 -4.60 -6.28 15.52
N ASP B 64 -4.59 -6.22 16.86
CA ASP B 64 -5.82 -6.21 17.66
C ASP B 64 -6.38 -4.79 17.66
N TYR B 65 -7.41 -4.56 16.85
CA TYR B 65 -8.03 -3.25 16.75
C TYR B 65 -8.94 -2.94 17.94
N GLU B 66 -9.30 -3.94 18.75
CA GLU B 66 -9.97 -3.67 20.02
C GLU B 66 -8.99 -3.18 21.09
N ASP B 67 -7.70 -3.49 20.93
CA ASP B 67 -6.65 -2.94 21.78
C ASP B 67 -6.24 -1.61 21.18
N LYS B 68 -6.62 -0.52 21.86
CA LYS B 68 -6.31 0.81 21.34
C LYS B 68 -4.82 1.06 21.20
N GLU B 69 -3.98 0.25 21.86
CA GLU B 69 -2.54 0.45 21.79
C GLU B 69 -1.88 -0.27 20.63
N ASP B 70 -2.56 -1.23 20.00
CA ASP B 70 -1.92 -2.08 18.99
C ASP B 70 -1.95 -1.41 17.63
N SER B 71 -0.85 -1.54 16.89
CA SER B 71 -0.75 -0.89 15.58
C SER B 71 0.23 -1.66 14.70
N LEU B 72 0.09 -1.45 13.39
CA LEU B 72 0.99 -2.11 12.44
C LEU B 72 2.43 -1.69 12.64
N PHE B 73 2.67 -0.36 12.67
CA PHE B 73 4.02 0.18 12.89
C PHE B 73 4.20 0.56 14.35
N PRO B 74 5.40 0.39 14.90
CA PRO B 74 6.55 -0.23 14.23
C PRO B 74 6.36 -1.74 14.15
N LEU B 75 6.78 -2.31 13.05
CA LEU B 75 6.60 -3.74 12.79
C LEU B 75 7.93 -4.43 12.99
N PHE B 76 8.04 -5.24 14.03
CA PHE B 76 9.30 -5.90 14.31
CA PHE B 76 9.31 -5.89 14.31
C PHE B 76 9.47 -7.11 13.41
N ILE B 77 10.65 -7.25 12.80
CA ILE B 77 10.89 -8.25 11.77
C ILE B 77 12.17 -9.02 12.04
N PRO B 78 12.10 -10.34 12.27
CA PRO B 78 13.34 -11.09 12.51
C PRO B 78 14.23 -11.13 11.28
N GLU B 79 13.64 -11.23 10.09
CA GLU B 79 14.38 -11.18 8.84
C GLU B 79 13.40 -11.03 7.69
N ILE B 80 13.93 -10.61 6.54
CA ILE B 80 13.15 -10.38 5.34
C ILE B 80 13.66 -11.32 4.26
N GLU B 81 12.75 -12.03 3.58
CA GLU B 81 13.16 -12.91 2.50
C GLU B 81 13.23 -12.13 1.20
N LEU B 82 14.38 -12.21 0.52
CA LEU B 82 14.56 -11.54 -0.76
C LEU B 82 14.78 -12.59 -1.84
N TYR B 83 13.93 -12.58 -2.86
CA TYR B 83 14.00 -13.48 -3.99
C TYR B 83 14.40 -12.66 -5.22
N LYS B 84 15.44 -13.08 -5.90
CA LYS B 84 15.85 -12.41 -7.13
C LYS B 84 15.60 -13.38 -8.28
N TYR B 85 14.53 -13.14 -9.03
CA TYR B 85 14.25 -13.90 -10.23
C TYR B 85 14.97 -13.28 -11.42
N GLN B 86 14.86 -13.92 -12.57
CA GLN B 86 15.58 -13.45 -13.75
C GLN B 86 15.16 -12.03 -14.12
N PHE B 87 13.85 -11.74 -14.07
CA PHE B 87 13.34 -10.47 -14.57
C PHE B 87 12.69 -9.58 -13.52
N TYR B 88 12.64 -9.99 -12.26
CA TYR B 88 12.10 -9.15 -11.19
C TYR B 88 12.56 -9.72 -9.86
N SER B 89 12.28 -8.97 -8.78
CA SER B 89 12.60 -9.41 -7.44
C SER B 89 11.37 -9.28 -6.56
N GLU B 90 11.40 -9.97 -5.41
CA GLU B 90 10.29 -9.95 -4.47
C GLU B 90 10.83 -9.99 -3.05
N ILE B 91 10.21 -9.21 -2.16
CA ILE B 91 10.50 -9.37 -0.74
C ILE B 91 9.24 -9.89 -0.07
N ILE B 92 9.44 -10.71 0.96
CA ILE B 92 8.34 -11.22 1.77
C ILE B 92 8.69 -10.97 3.23
N ILE B 93 7.79 -10.29 3.94
CA ILE B 93 7.84 -10.11 5.38
C ILE B 93 6.70 -10.93 5.93
N ASP B 94 7.01 -11.95 6.74
CA ASP B 94 5.97 -12.83 7.28
C ASP B 94 6.15 -12.87 8.79
N VAL B 95 5.40 -12.02 9.49
CA VAL B 95 5.41 -12.00 10.96
C VAL B 95 3.96 -12.11 11.44
N GLY B 96 3.21 -13.06 10.86
CA GLY B 96 1.78 -13.12 11.05
C GLY B 96 1.09 -12.15 10.10
N ILE B 97 1.30 -10.86 10.35
CA ILE B 97 1.13 -9.86 9.30
C ILE B 97 2.04 -10.26 8.15
N ILE B 98 1.53 -10.16 6.91
CA ILE B 98 2.30 -10.51 5.73
C ILE B 98 2.36 -9.31 4.80
N ILE B 99 3.56 -8.97 4.34
CA ILE B 99 3.78 -7.97 3.30
C ILE B 99 4.58 -8.64 2.20
N LYS B 100 4.08 -8.55 0.96
CA LYS B 100 4.80 -9.08 -0.20
C LYS B 100 4.84 -8.00 -1.26
N ILE B 101 6.03 -7.76 -1.80
CA ILE B 101 6.20 -6.75 -2.85
C ILE B 101 7.04 -7.36 -3.94
N SER B 102 6.53 -7.36 -5.16
CA SER B 102 7.29 -7.70 -6.36
C SER B 102 7.52 -6.44 -7.19
N ALA B 103 8.76 -6.28 -7.66
CA ALA B 103 9.12 -5.10 -8.43
C ALA B 103 10.21 -5.49 -9.41
N GLU B 104 10.34 -4.70 -10.48
CA GLU B 104 11.38 -5.00 -11.46
C GLU B 104 12.76 -4.95 -10.83
N THR B 105 13.01 -3.97 -9.94
CA THR B 105 14.26 -3.93 -9.20
C THR B 105 13.99 -3.67 -7.73
N ILE B 106 14.80 -4.29 -6.88
CA ILE B 106 14.74 -4.06 -5.45
C ILE B 106 16.17 -3.86 -4.97
N ASN B 107 16.42 -2.72 -4.34
CA ASN B 107 17.75 -2.35 -3.87
C ASN B 107 17.65 -1.99 -2.40
N PHE B 108 18.74 -2.15 -1.67
CA PHE B 108 18.64 -1.84 -0.25
C PHE B 108 19.98 -1.36 0.28
N GLU B 109 19.92 -0.58 1.36
CA GLU B 109 21.09 -0.18 2.14
C GLU B 109 20.73 -0.32 3.60
N PRO B 110 21.65 -0.80 4.44
CA PRO B 110 23.04 -1.16 4.12
C PRO B 110 23.16 -2.52 3.48
N LEU B 111 24.30 -2.75 2.83
CA LEU B 111 24.64 -4.05 2.23
C LEU B 111 25.50 -4.88 3.18
#